data_8EXJ
#
_entry.id   8EXJ
#
_cell.length_a   88.578
_cell.length_b   88.578
_cell.length_c   132.433
_cell.angle_alpha   90.000
_cell.angle_beta   90.000
_cell.angle_gamma   90.000
#
_symmetry.space_group_name_H-M   'P 43 21 2'
#
loop_
_entity.id
_entity.type
_entity.pdbx_description
1 polymer 'Tyrosine-protein phosphatase non-receptor type 1'
2 polymer 'Tyrosine-protein kinase JAK1 activation loop peptide'
3 non-polymer 'PHOSPHATE ION'
4 non-polymer 2-AMINO-2-HYDROXYMETHYL-PROPANE-1,3-DIOL
5 water water
#
loop_
_entity_poly.entity_id
_entity_poly.type
_entity_poly.pdbx_seq_one_letter_code
_entity_poly.pdbx_strand_id
1 'polypeptide(L)'
;MEMEKEFEQIDKSGSWAAIYQDIRHEASDFPCRVAKLPKNKNRNRYRDVSPFDHSRIKLHQEDNDYINASLIKMEEAQRS
YILTQGPLPNTCGHFWEMVWEQKSRGVVMLNRVMEKGSLKCAQYWPQKEEKEMIFEDTNLKLTLISEDIKSYYTVRQLEL
ENLTTQETREILHFHYTTWPAFGVPESPASFLNFLFKVRESGSLSPEHGPVVVHCSAGIGRSGTFCLADTCLLLMDKRKD
PSSVDIKKVLLEMRKFRMGLIATADQLRFSYLAVIEGAKFIMGDSSVQDQWKELSHEDL
;
A
2 'polypeptide(L)' AIETDKEYYTVKDDLD D
#
loop_
_chem_comp.id
_chem_comp.type
_chem_comp.name
_chem_comp.formula
PO4 non-polymer 'PHOSPHATE ION' 'O4 P -3'
TRS non-polymer 2-AMINO-2-HYDROXYMETHYL-PROPANE-1,3-DIOL 'C4 H12 N O3 1'
#
# COMPACT_ATOMS: atom_id res chain seq x y z
N GLU A 2 -21.27 -9.24 -16.54
CA GLU A 2 -19.92 -9.70 -16.21
C GLU A 2 -18.88 -8.61 -16.43
N MET A 3 -18.01 -8.48 -15.42
CA MET A 3 -16.94 -7.49 -15.45
C MET A 3 -15.94 -7.75 -16.58
N GLU A 4 -15.78 -9.03 -16.97
CA GLU A 4 -14.94 -9.40 -18.10
C GLU A 4 -15.39 -8.71 -19.38
N LYS A 5 -16.70 -8.71 -19.64
CA LYS A 5 -17.24 -7.96 -20.77
C LYS A 5 -16.82 -6.49 -20.68
N GLU A 6 -17.13 -5.85 -19.55
CA GLU A 6 -16.86 -4.42 -19.41
C GLU A 6 -15.42 -4.08 -19.78
N PHE A 7 -14.48 -4.95 -19.41
CA PHE A 7 -13.07 -4.68 -19.71
C PHE A 7 -12.82 -4.71 -21.21
N GLU A 8 -13.23 -5.79 -21.88
CA GLU A 8 -13.02 -5.91 -23.32
C GLU A 8 -13.67 -4.75 -24.08
N GLN A 9 -14.79 -4.22 -23.58
CA GLN A 9 -15.39 -3.03 -24.19
C GLN A 9 -14.44 -1.84 -24.10
N ILE A 10 -13.99 -1.53 -22.88
CA ILE A 10 -13.13 -0.36 -22.68
C ILE A 10 -11.89 -0.46 -23.53
N ASP A 11 -11.34 -1.68 -23.65
CA ASP A 11 -10.13 -1.87 -24.44
C ASP A 11 -10.39 -1.57 -25.93
N LYS A 12 -11.31 -2.31 -26.55
CA LYS A 12 -11.66 -2.04 -27.94
C LYS A 12 -12.03 -0.58 -28.13
N SER A 13 -12.95 -0.07 -27.31
CA SER A 13 -13.32 1.34 -27.36
C SER A 13 -12.10 2.24 -27.12
N GLY A 14 -11.22 1.84 -26.19
CA GLY A 14 -10.03 2.62 -25.88
C GLY A 14 -10.23 3.77 -24.91
N SER A 15 -11.30 3.73 -24.11
CA SER A 15 -11.66 4.86 -23.24
C SER A 15 -11.08 4.75 -21.83
N TRP A 16 -9.87 4.22 -21.68
CA TRP A 16 -9.32 4.04 -20.33
C TRP A 16 -9.04 5.38 -19.67
N ALA A 17 -8.34 6.28 -20.35
CA ALA A 17 -8.11 7.61 -19.79
C ALA A 17 -9.41 8.38 -19.60
N ALA A 18 -10.40 8.13 -20.46
CA ALA A 18 -11.70 8.77 -20.27
C ALA A 18 -12.34 8.31 -18.96
N ILE A 19 -12.37 7.00 -18.73
CA ILE A 19 -12.84 6.45 -17.47
C ILE A 19 -12.02 7.02 -16.32
N TYR A 20 -10.69 7.04 -16.48
CA TYR A 20 -9.81 7.52 -15.43
C TYR A 20 -10.14 8.95 -15.04
N GLN A 21 -9.91 9.90 -15.96
CA GLN A 21 -10.24 11.30 -15.70
C GLN A 21 -11.64 11.46 -15.11
N ASP A 22 -12.57 10.57 -15.50
CA ASP A 22 -13.91 10.64 -14.94
C ASP A 22 -13.89 10.45 -13.42
N ILE A 23 -12.97 9.63 -12.92
CA ILE A 23 -12.94 9.33 -11.49
C ILE A 23 -12.25 10.45 -10.71
N ARG A 24 -11.17 11.02 -11.26
CA ARG A 24 -10.61 12.22 -10.65
C ARG A 24 -11.70 13.26 -10.48
N HIS A 25 -12.58 13.36 -11.47
CA HIS A 25 -13.61 14.38 -11.41
C HIS A 25 -14.61 14.09 -10.30
N GLU A 26 -14.92 12.82 -10.08
CA GLU A 26 -15.92 12.45 -9.09
C GLU A 26 -15.35 12.20 -7.70
N ALA A 27 -14.03 12.24 -7.54
CA ALA A 27 -13.43 11.87 -6.27
C ALA A 27 -13.74 12.90 -5.19
N SER A 28 -13.84 12.44 -3.95
CA SER A 28 -14.12 13.29 -2.82
C SER A 28 -13.03 14.35 -2.68
N ASP A 29 -13.26 15.30 -1.76
CA ASP A 29 -12.29 16.35 -1.49
C ASP A 29 -12.56 16.92 -0.10
N PHE A 30 -11.69 16.63 0.86
CA PHE A 30 -11.94 17.09 2.23
C PHE A 30 -10.83 18.00 2.73
N PRO A 31 -11.04 18.72 3.83
CA PRO A 31 -9.98 19.58 4.36
C PRO A 31 -8.76 18.78 4.79
N CYS A 32 -7.60 19.43 4.70
CA CYS A 32 -6.29 18.88 5.09
C CYS A 32 -5.55 19.89 5.94
N ARG A 33 -6.23 20.44 6.95
CA ARG A 33 -5.65 21.56 7.69
C ARG A 33 -4.36 21.15 8.37
N VAL A 34 -4.38 20.06 9.14
CA VAL A 34 -3.18 19.69 9.90
C VAL A 34 -2.01 19.47 8.95
N ALA A 35 -2.24 18.75 7.83
CA ALA A 35 -1.15 18.52 6.90
C ALA A 35 -0.57 19.83 6.40
N LYS A 36 -1.37 20.88 6.32
CA LYS A 36 -0.92 22.13 5.74
C LYS A 36 -0.35 23.08 6.78
N LEU A 37 -0.43 22.75 8.06
CA LEU A 37 0.26 23.57 9.04
C LEU A 37 1.72 23.73 8.63
N PRO A 38 2.33 24.87 8.95
CA PRO A 38 3.73 25.06 8.56
C PRO A 38 4.66 24.21 9.40
N LYS A 39 4.38 24.03 10.69
CA LYS A 39 5.24 23.16 11.48
C LYS A 39 5.31 21.75 10.87
N ASN A 40 4.34 21.37 10.05
CA ASN A 40 4.31 20.07 9.43
C ASN A 40 4.82 20.09 8.00
N LYS A 41 5.33 21.23 7.53
CA LYS A 41 5.80 21.28 6.15
C LYS A 41 6.81 20.17 5.88
N ASN A 42 7.78 20.00 6.78
CA ASN A 42 8.88 19.08 6.55
C ASN A 42 8.51 17.63 6.82
N ARG A 43 7.27 17.35 7.24
CA ARG A 43 6.83 15.98 7.42
C ARG A 43 6.11 15.43 6.20
N ASN A 44 6.01 16.19 5.11
CA ASN A 44 5.38 15.75 3.87
C ASN A 44 6.41 15.68 2.77
N ARG A 45 6.42 14.59 2.03
CA ARG A 45 7.37 14.45 0.94
C ARG A 45 6.94 15.26 -0.27
N TYR A 46 5.64 15.34 -0.53
CA TYR A 46 5.13 16.10 -1.67
C TYR A 46 4.12 17.15 -1.18
N ARG A 47 4.10 18.29 -1.86
CA ARG A 47 3.28 19.41 -1.40
C ARG A 47 1.84 19.30 -1.85
N ASP A 48 1.56 18.48 -2.86
CA ASP A 48 0.20 18.25 -3.36
C ASP A 48 -0.35 16.89 -2.96
N VAL A 49 0.18 16.27 -1.89
CA VAL A 49 -0.32 14.97 -1.43
C VAL A 49 -0.38 15.00 0.09
N SER A 50 -1.60 14.97 0.65
CA SER A 50 -1.79 15.10 2.09
C SER A 50 -2.96 14.24 2.56
N PRO A 51 -2.94 13.84 3.83
CA PRO A 51 -4.08 13.09 4.37
C PRO A 51 -5.24 14.00 4.73
N PHE A 52 -6.45 13.52 4.46
CA PHE A 52 -7.63 14.24 4.94
C PHE A 52 -7.61 14.29 6.46
N ASP A 53 -8.05 15.41 7.01
CA ASP A 53 -8.14 15.53 8.46
C ASP A 53 -8.95 14.39 9.05
N HIS A 54 -9.97 13.94 8.35
CA HIS A 54 -10.92 13.06 9.01
C HIS A 54 -10.43 11.63 9.09
N SER A 55 -9.48 11.21 8.24
CA SER A 55 -8.95 9.86 8.29
C SER A 55 -7.46 9.79 8.59
N ARG A 56 -6.83 10.90 8.97
CA ARG A 56 -5.38 10.87 9.18
C ARG A 56 -5.04 10.08 10.43
N ILE A 57 -3.94 9.33 10.38
CA ILE A 57 -3.47 8.62 11.57
C ILE A 57 -2.83 9.60 12.54
N LYS A 58 -3.05 9.39 13.83
CA LYS A 58 -2.53 10.31 14.83
C LYS A 58 -1.52 9.59 15.71
N LEU A 59 -0.29 10.12 15.75
CA LEU A 59 0.72 9.64 16.68
C LEU A 59 0.29 9.92 18.11
N HIS A 60 0.52 8.95 19.00
CA HIS A 60 0.15 9.12 20.40
C HIS A 60 1.22 9.84 21.20
N GLN A 61 1.91 10.79 20.58
CA GLN A 61 2.87 11.63 21.28
C GLN A 61 2.26 13.01 21.55
N GLU A 62 2.67 13.62 22.67
CA GLU A 62 2.04 14.86 23.12
C GLU A 62 2.47 16.06 22.28
N ASP A 63 3.68 16.01 21.71
CA ASP A 63 4.22 17.17 21.02
C ASP A 63 3.44 17.42 19.74
N ASN A 64 3.72 16.63 18.70
CA ASN A 64 3.18 16.85 17.37
C ASN A 64 2.70 15.50 16.87
N ASP A 65 1.39 15.36 16.70
CA ASP A 65 0.81 14.05 16.39
C ASP A 65 0.67 13.79 14.89
N TYR A 66 1.30 14.59 14.03
CA TYR A 66 1.07 14.50 12.59
C TYR A 66 2.05 13.57 11.90
N ILE A 67 1.50 12.67 11.08
CA ILE A 67 2.25 11.88 10.11
C ILE A 67 1.41 11.81 8.84
N ASN A 68 2.07 11.79 7.68
CA ASN A 68 1.34 11.75 6.41
C ASN A 68 0.90 10.31 6.16
N ALA A 69 -0.19 9.91 6.81
CA ALA A 69 -0.71 8.56 6.68
C ALA A 69 -2.21 8.59 6.89
N SER A 70 -2.94 7.77 6.12
CA SER A 70 -4.41 7.73 6.15
C SER A 70 -4.94 6.34 6.47
N LEU A 71 -5.98 6.28 7.30
CA LEU A 71 -6.66 5.01 7.59
C LEU A 71 -7.81 4.80 6.62
N ILE A 72 -7.71 3.76 5.80
CA ILE A 72 -8.70 3.46 4.76
C ILE A 72 -9.52 2.29 5.28
N LYS A 73 -10.72 2.59 5.77
CA LYS A 73 -11.53 1.61 6.48
C LYS A 73 -12.64 1.14 5.56
N MET A 74 -12.40 0.05 4.83
CA MET A 74 -13.41 -0.55 3.96
C MET A 74 -14.41 -1.30 4.84
N GLU A 75 -15.53 -0.62 5.13
CA GLU A 75 -16.56 -1.15 6.02
C GLU A 75 -17.10 -2.48 5.52
N GLU A 76 -17.61 -2.49 4.29
CA GLU A 76 -18.21 -3.71 3.74
C GLU A 76 -17.19 -4.83 3.61
N ALA A 77 -16.10 -4.56 2.88
CA ALA A 77 -15.05 -5.57 2.72
C ALA A 77 -14.48 -6.06 4.04
N GLN A 78 -14.67 -5.30 5.13
CA GLN A 78 -14.20 -5.69 6.46
C GLN A 78 -12.67 -5.70 6.57
N ARG A 79 -11.99 -4.79 5.87
CA ARG A 79 -10.56 -4.68 5.99
C ARG A 79 -10.16 -3.21 6.07
N SER A 80 -9.24 -2.90 6.97
CA SER A 80 -8.64 -1.58 7.06
C SER A 80 -7.19 -1.62 6.58
N TYR A 81 -6.79 -0.62 5.81
CA TYR A 81 -5.41 -0.39 5.42
C TYR A 81 -4.95 0.97 5.94
N ILE A 82 -3.64 1.10 6.17
CA ILE A 82 -3.00 2.39 6.38
C ILE A 82 -2.12 2.64 5.17
N LEU A 83 -2.38 3.73 4.45
CA LEU A 83 -1.54 4.13 3.33
C LEU A 83 -0.79 5.38 3.75
N THR A 84 0.50 5.41 3.39
CA THR A 84 1.39 6.43 3.90
C THR A 84 2.44 6.67 2.83
N GLN A 85 3.13 7.80 2.93
CA GLN A 85 4.26 8.08 2.04
C GLN A 85 5.50 7.27 2.48
N GLY A 86 6.44 7.10 1.55
CA GLY A 86 7.75 6.62 1.91
C GLY A 86 8.35 7.51 2.99
N PRO A 87 8.76 6.92 4.11
CA PRO A 87 9.27 7.74 5.22
C PRO A 87 10.40 8.67 4.78
N LEU A 88 10.43 9.85 5.40
CA LEU A 88 11.47 10.82 5.17
C LEU A 88 12.58 10.61 6.19
N PRO A 89 13.75 11.18 5.96
CA PRO A 89 14.85 10.99 6.93
C PRO A 89 14.47 11.42 8.33
N ASN A 90 13.58 12.41 8.48
CA ASN A 90 13.15 12.82 9.81
C ASN A 90 11.89 12.12 10.30
N THR A 91 11.21 11.33 9.46
CA THR A 91 9.95 10.73 9.89
C THR A 91 10.03 9.22 10.11
N CYS A 92 11.20 8.61 9.86
CA CYS A 92 11.39 7.18 10.15
C CYS A 92 10.93 6.80 11.55
N GLY A 93 11.27 7.61 12.54
CA GLY A 93 10.81 7.31 13.89
C GLY A 93 9.30 7.38 14.02
N HIS A 94 8.66 8.32 13.30
CA HIS A 94 7.21 8.40 13.36
C HIS A 94 6.57 7.21 12.65
N PHE A 95 7.16 6.78 11.54
CA PHE A 95 6.67 5.59 10.84
C PHE A 95 6.54 4.41 11.79
N TRP A 96 7.62 4.08 12.50
CA TRP A 96 7.58 2.91 13.38
C TRP A 96 6.76 3.18 14.62
N GLU A 97 6.66 4.44 15.06
CA GLU A 97 5.73 4.76 16.14
C GLU A 97 4.30 4.45 15.73
N MET A 98 3.93 4.86 14.52
CA MET A 98 2.62 4.51 13.99
C MET A 98 2.44 3.00 13.95
N VAL A 99 3.42 2.29 13.35
CA VAL A 99 3.31 0.84 13.27
C VAL A 99 3.10 0.24 14.64
N TRP A 100 3.79 0.75 15.65
CA TRP A 100 3.61 0.22 17.00
C TRP A 100 2.25 0.58 17.56
N GLU A 101 1.91 1.87 17.58
CA GLU A 101 0.64 2.30 18.17
C GLU A 101 -0.56 1.69 17.45
N GLN A 102 -0.51 1.55 16.11
CA GLN A 102 -1.64 0.96 15.40
C GLN A 102 -1.63 -0.56 15.41
N LYS A 103 -0.62 -1.18 16.01
CA LYS A 103 -0.55 -2.62 16.19
C LYS A 103 -0.44 -3.36 14.86
N SER A 104 0.14 -2.71 13.85
CA SER A 104 0.30 -3.40 12.58
C SER A 104 1.29 -4.56 12.74
N ARG A 105 1.10 -5.58 11.91
CA ARG A 105 1.98 -6.72 11.90
C ARG A 105 2.75 -6.85 10.59
N GLY A 106 2.28 -6.25 9.51
CA GLY A 106 3.01 -6.26 8.26
C GLY A 106 3.11 -4.87 7.66
N VAL A 107 4.15 -4.68 6.86
CA VAL A 107 4.36 -3.47 6.07
C VAL A 107 4.63 -3.90 4.64
N VAL A 108 3.87 -3.34 3.69
CA VAL A 108 4.05 -3.63 2.26
C VAL A 108 4.68 -2.39 1.63
N MET A 109 5.86 -2.57 1.03
CA MET A 109 6.61 -1.48 0.41
C MET A 109 6.70 -1.75 -1.08
N LEU A 110 6.17 -0.83 -1.89
CA LEU A 110 5.97 -1.08 -3.31
C LEU A 110 6.94 -0.31 -4.21
N ASN A 111 7.80 0.52 -3.64
CA ASN A 111 8.80 1.28 -4.37
C ASN A 111 10.19 0.86 -3.91
N ARG A 112 11.21 1.42 -4.56
CA ARG A 112 12.60 1.23 -4.16
C ARG A 112 13.16 2.51 -3.57
N VAL A 113 14.17 2.38 -2.69
CA VAL A 113 14.73 3.56 -2.05
C VAL A 113 15.22 4.55 -3.11
N MET A 114 15.84 4.05 -4.17
CA MET A 114 16.26 4.84 -5.32
C MET A 114 15.44 4.42 -6.54
N GLU A 115 15.00 5.39 -7.33
CA GLU A 115 14.14 5.07 -8.47
C GLU A 115 14.38 6.10 -9.57
N LYS A 116 15.25 5.76 -10.52
CA LYS A 116 15.57 6.63 -11.64
C LYS A 116 16.37 7.85 -11.18
N GLY A 117 17.29 7.65 -10.24
CA GLY A 117 18.11 8.71 -9.72
C GLY A 117 17.44 9.68 -8.76
N SER A 118 16.16 9.47 -8.43
CA SER A 118 15.43 10.36 -7.53
C SER A 118 15.13 9.61 -6.23
N LEU A 119 15.63 10.14 -5.11
CA LEU A 119 15.41 9.49 -3.83
C LEU A 119 13.94 9.62 -3.45
N LYS A 120 13.25 8.50 -3.43
CA LYS A 120 11.83 8.47 -3.15
C LYS A 120 11.50 7.83 -1.80
N CYS A 121 12.51 7.53 -0.98
CA CYS A 121 12.28 6.94 0.33
C CYS A 121 13.59 6.89 1.11
N ALA A 122 13.50 7.03 2.43
CA ALA A 122 14.66 6.86 3.31
C ALA A 122 14.83 5.38 3.71
N GLN A 123 16.08 4.98 3.92
CA GLN A 123 16.39 3.61 4.32
C GLN A 123 15.97 3.38 5.77
N TYR A 124 14.69 3.05 6.00
CA TYR A 124 14.10 3.05 7.35
C TYR A 124 14.07 1.69 8.03
N TRP A 125 14.53 0.64 7.35
CA TRP A 125 14.70 -0.63 8.02
C TRP A 125 16.15 -1.10 7.85
N PRO A 126 16.65 -1.87 8.82
CA PRO A 126 18.05 -2.33 8.72
C PRO A 126 18.27 -3.38 7.64
N GLN A 127 19.43 -3.30 6.98
CA GLN A 127 19.78 -4.28 5.95
C GLN A 127 20.71 -5.38 6.45
N LYS A 128 21.39 -5.18 7.56
CA LYS A 128 22.29 -6.17 8.13
C LYS A 128 21.81 -6.51 9.54
N GLU A 129 21.75 -7.81 9.84
CA GLU A 129 21.33 -8.26 11.16
C GLU A 129 22.10 -7.53 12.25
N GLU A 130 23.40 -7.32 12.05
CA GLU A 130 24.24 -6.82 13.14
C GLU A 130 24.20 -5.29 13.27
N LYS A 131 23.67 -4.57 12.29
CA LYS A 131 23.51 -3.12 12.41
C LYS A 131 22.02 -2.80 12.47
N GLU A 132 21.46 -2.90 13.67
CA GLU A 132 20.08 -2.53 13.92
C GLU A 132 19.93 -1.02 14.11
N MET A 133 18.74 -0.50 13.80
CA MET A 133 18.45 0.92 13.93
C MET A 133 17.78 1.24 15.26
N ILE A 134 18.13 2.39 15.82
CA ILE A 134 17.53 2.88 17.06
C ILE A 134 16.99 4.28 16.83
N PHE A 135 15.68 4.44 16.94
CA PHE A 135 15.00 5.71 16.73
C PHE A 135 14.78 6.37 18.09
N GLU A 136 15.61 7.35 18.42
CA GLU A 136 15.63 7.86 19.79
C GLU A 136 14.47 8.79 20.08
N ASP A 137 14.02 9.56 19.09
CA ASP A 137 12.90 10.46 19.30
C ASP A 137 11.65 9.71 19.73
N THR A 138 11.42 8.50 19.18
CA THR A 138 10.24 7.71 19.49
C THR A 138 10.54 6.46 20.33
N ASN A 139 11.79 6.25 20.72
CA ASN A 139 12.15 5.20 21.67
C ASN A 139 11.84 3.79 21.14
N LEU A 140 12.34 3.50 19.95
CA LEU A 140 12.10 2.21 19.33
C LEU A 140 13.41 1.67 18.78
N LYS A 141 13.53 0.34 18.84
CA LYS A 141 14.66 -0.39 18.30
C LYS A 141 14.13 -1.37 17.26
N LEU A 142 14.86 -1.50 16.16
CA LEU A 142 14.42 -2.28 15.01
C LEU A 142 15.56 -3.15 14.50
N THR A 143 15.38 -4.47 14.55
CA THR A 143 16.43 -5.42 14.22
C THR A 143 15.99 -6.33 13.08
N LEU A 144 16.84 -6.48 12.07
CA LEU A 144 16.59 -7.47 11.04
C LEU A 144 16.88 -8.86 11.60
N ILE A 145 15.98 -9.81 11.36
CA ILE A 145 16.09 -11.15 11.89
C ILE A 145 16.31 -12.18 10.79
N SER A 146 15.72 -11.97 9.62
CA SER A 146 15.91 -12.90 8.52
C SER A 146 15.33 -12.26 7.28
N GLU A 147 15.69 -12.81 6.12
CA GLU A 147 15.08 -12.37 4.88
C GLU A 147 15.03 -13.54 3.92
N ASP A 148 14.14 -13.41 2.93
CA ASP A 148 13.93 -14.40 1.90
C ASP A 148 13.88 -13.60 0.61
N ILE A 149 15.01 -13.53 -0.10
CA ILE A 149 15.10 -12.78 -1.33
C ILE A 149 14.51 -13.60 -2.46
N LYS A 150 13.88 -12.92 -3.41
CA LYS A 150 13.16 -13.56 -4.49
C LYS A 150 13.40 -12.73 -5.74
N SER A 151 13.06 -13.30 -6.90
CA SER A 151 13.49 -12.66 -8.14
C SER A 151 12.95 -11.24 -8.26
N TYR A 152 11.80 -10.95 -7.68
CA TYR A 152 11.25 -9.60 -7.79
C TYR A 152 10.64 -9.08 -6.50
N TYR A 153 10.72 -9.81 -5.41
CA TYR A 153 10.28 -9.28 -4.13
C TYR A 153 11.14 -9.88 -3.03
N THR A 154 11.03 -9.30 -1.84
CA THR A 154 11.80 -9.75 -0.70
C THR A 154 10.94 -9.64 0.53
N VAL A 155 10.88 -10.71 1.33
CA VAL A 155 10.18 -10.73 2.59
C VAL A 155 11.23 -10.70 3.69
N ARG A 156 11.11 -9.73 4.59
CA ARG A 156 12.01 -9.59 5.72
C ARG A 156 11.22 -9.83 6.99
N GLN A 157 11.90 -10.35 8.00
CA GLN A 157 11.34 -10.49 9.34
C GLN A 157 12.13 -9.54 10.24
N LEU A 158 11.41 -8.75 11.04
CA LEU A 158 12.01 -7.72 11.88
C LEU A 158 11.49 -7.81 13.29
N GLU A 159 12.29 -7.37 14.25
CA GLU A 159 11.86 -7.27 15.63
C GLU A 159 11.82 -5.79 16.01
N LEU A 160 10.64 -5.32 16.36
CA LEU A 160 10.42 -3.95 16.81
C LEU A 160 10.28 -3.98 18.32
N GLU A 161 11.22 -3.32 19.01
CA GLU A 161 11.22 -3.33 20.46
C GLU A 161 10.82 -1.96 20.96
N ASN A 162 10.02 -1.94 22.00
CA ASN A 162 9.56 -0.70 22.64
C ASN A 162 10.49 -0.48 23.84
N LEU A 163 11.52 0.34 23.63
CA LEU A 163 12.53 0.56 24.68
C LEU A 163 11.90 0.99 26.00
N THR A 164 10.75 1.66 25.96
CA THR A 164 10.13 2.12 27.19
C THR A 164 9.67 0.94 28.05
N THR A 165 8.99 -0.03 27.43
CA THR A 165 8.41 -1.15 28.16
C THR A 165 9.17 -2.47 28.01
N GLN A 166 10.17 -2.53 27.11
CA GLN A 166 10.89 -3.74 26.75
C GLN A 166 10.06 -4.70 25.89
N GLU A 167 8.76 -4.43 25.66
CA GLU A 167 7.95 -5.33 24.83
C GLU A 167 8.48 -5.37 23.41
N THR A 168 8.29 -6.51 22.74
CA THR A 168 8.79 -6.71 21.38
C THR A 168 7.70 -7.33 20.52
N ARG A 169 7.80 -7.08 19.21
CA ARG A 169 6.87 -7.63 18.25
C ARG A 169 7.61 -7.96 16.96
N GLU A 170 7.11 -8.96 16.26
CA GLU A 170 7.61 -9.34 14.95
C GLU A 170 6.82 -8.61 13.85
N ILE A 171 7.53 -8.03 12.90
CA ILE A 171 6.94 -7.30 11.80
C ILE A 171 7.39 -7.94 10.50
N LEU A 172 6.46 -8.20 9.61
CA LEU A 172 6.81 -8.73 8.30
C LEU A 172 6.85 -7.60 7.28
N HIS A 173 7.96 -7.49 6.58
CA HIS A 173 8.19 -6.46 5.58
C HIS A 173 8.12 -7.12 4.21
N PHE A 174 7.14 -6.74 3.41
CA PHE A 174 6.99 -7.27 2.06
C PHE A 174 7.39 -6.19 1.07
N HIS A 175 8.54 -6.37 0.42
CA HIS A 175 9.13 -5.36 -0.45
C HIS A 175 9.01 -5.82 -1.90
N TYR A 176 8.24 -5.10 -2.69
CA TYR A 176 8.09 -5.39 -4.12
C TYR A 176 9.07 -4.47 -4.85
N THR A 177 10.09 -5.06 -5.49
CA THR A 177 11.23 -4.31 -5.99
C THR A 177 11.18 -4.03 -7.48
N THR A 178 10.19 -4.53 -8.21
CA THR A 178 10.17 -4.37 -9.66
C THR A 178 8.95 -3.63 -10.16
N TRP A 179 8.37 -2.75 -9.34
CA TRP A 179 7.18 -2.02 -9.73
C TRP A 179 7.54 -0.56 -9.95
N PRO A 180 7.70 -0.13 -11.19
CA PRO A 180 8.16 1.25 -11.47
C PRO A 180 7.12 2.28 -11.07
N ALA A 181 7.61 3.44 -10.62
CA ALA A 181 6.71 4.54 -10.32
C ALA A 181 5.86 4.85 -11.54
N PHE A 182 4.61 5.26 -11.29
CA PHE A 182 3.66 5.52 -12.37
C PHE A 182 3.57 4.36 -13.35
N GLY A 183 4.08 3.19 -12.97
CA GLY A 183 4.07 2.02 -13.84
C GLY A 183 3.25 0.86 -13.31
N VAL A 184 3.33 -0.29 -13.99
CA VAL A 184 2.52 -1.44 -13.59
C VAL A 184 3.39 -2.68 -13.40
N PRO A 185 2.95 -3.63 -12.58
CA PRO A 185 3.69 -4.89 -12.42
C PRO A 185 3.84 -5.63 -13.74
N GLU A 186 4.87 -6.48 -13.81
CA GLU A 186 5.19 -7.22 -15.03
C GLU A 186 3.98 -7.98 -15.56
N SER A 187 3.16 -8.54 -14.67
CA SER A 187 2.03 -9.37 -15.07
C SER A 187 1.04 -9.43 -13.91
N PRO A 188 -0.23 -9.73 -14.19
CA PRO A 188 -1.15 -10.01 -13.09
C PRO A 188 -0.65 -11.11 -12.18
N ALA A 189 0.09 -12.07 -12.73
CA ALA A 189 0.56 -13.20 -11.94
C ALA A 189 1.55 -12.77 -10.87
N SER A 190 2.62 -12.09 -11.28
CA SER A 190 3.58 -11.62 -10.30
C SER A 190 2.87 -10.81 -9.22
N PHE A 191 1.94 -9.94 -9.63
CA PHE A 191 1.19 -9.16 -8.65
C PHE A 191 0.40 -10.05 -7.70
N LEU A 192 -0.45 -10.91 -8.24
CA LEU A 192 -1.31 -11.74 -7.40
C LEU A 192 -0.49 -12.69 -6.54
N ASN A 193 0.63 -13.17 -7.06
CA ASN A 193 1.48 -14.01 -6.24
C ASN A 193 1.97 -13.23 -5.03
N PHE A 194 2.36 -11.97 -5.25
CA PHE A 194 2.74 -11.10 -4.15
C PHE A 194 1.58 -10.85 -3.18
N LEU A 195 0.42 -10.44 -3.71
CA LEU A 195 -0.72 -10.20 -2.83
C LEU A 195 -1.01 -11.41 -1.95
N PHE A 196 -0.99 -12.60 -2.55
CA PHE A 196 -1.40 -13.79 -1.81
C PHE A 196 -0.32 -14.23 -0.85
N LYS A 197 0.94 -13.91 -1.17
CA LYS A 197 1.99 -14.09 -0.17
C LYS A 197 1.66 -13.26 1.07
N VAL A 198 1.33 -11.97 0.87
CA VAL A 198 0.95 -11.12 2.00
C VAL A 198 -0.25 -11.72 2.72
N ARG A 199 -1.26 -12.13 1.96
CA ARG A 199 -2.46 -12.71 2.58
C ARG A 199 -2.11 -13.92 3.46
N GLU A 200 -1.26 -14.81 2.96
CA GLU A 200 -0.97 -16.05 3.68
C GLU A 200 -0.17 -15.81 4.96
N SER A 201 0.56 -14.71 5.04
CA SER A 201 1.36 -14.39 6.21
C SER A 201 0.53 -14.09 7.45
N GLY A 202 -0.78 -13.85 7.29
CA GLY A 202 -1.58 -13.42 8.41
C GLY A 202 -1.54 -11.94 8.71
N SER A 203 -0.70 -11.17 8.00
CA SER A 203 -0.61 -9.73 8.29
C SER A 203 -1.94 -9.03 8.04
N LEU A 204 -2.77 -9.56 7.14
CA LEU A 204 -4.03 -8.91 6.81
C LEU A 204 -5.18 -9.31 7.72
N SER A 205 -4.90 -10.11 8.75
CA SER A 205 -5.97 -10.61 9.59
C SER A 205 -6.51 -9.53 10.51
N PRO A 206 -7.78 -9.62 10.93
CA PRO A 206 -8.38 -8.57 11.77
C PRO A 206 -7.96 -8.61 13.23
N GLU A 207 -7.35 -9.70 13.70
CA GLU A 207 -6.71 -9.71 15.01
C GLU A 207 -5.54 -8.74 15.09
N HIS A 208 -5.02 -8.30 13.95
CA HIS A 208 -3.93 -7.35 13.86
C HIS A 208 -4.45 -5.97 13.46
N GLY A 209 -3.62 -4.96 13.69
CA GLY A 209 -3.93 -3.61 13.25
C GLY A 209 -3.87 -3.61 11.74
N PRO A 210 -4.26 -2.51 11.11
CA PRO A 210 -4.23 -2.48 9.65
C PRO A 210 -2.80 -2.68 9.14
N VAL A 211 -2.68 -3.38 8.03
CA VAL A 211 -1.41 -3.43 7.35
C VAL A 211 -1.06 -2.02 6.89
N VAL A 212 0.22 -1.67 6.97
CA VAL A 212 0.73 -0.42 6.41
C VAL A 212 1.21 -0.68 4.99
N VAL A 213 0.73 0.12 4.04
CA VAL A 213 1.13 0.04 2.65
C VAL A 213 1.71 1.38 2.24
N HIS A 214 2.84 1.38 1.56
CA HIS A 214 3.46 2.62 1.15
C HIS A 214 4.24 2.42 -0.14
N CYS A 215 4.40 3.51 -0.86
CA CYS A 215 5.29 3.60 -2.01
C CYS A 215 5.98 4.95 -1.85
N SER A 216 6.13 5.71 -2.93
CA SER A 216 6.73 7.04 -2.81
C SER A 216 5.80 8.01 -2.10
N ALA A 217 4.60 8.23 -2.68
CA ALA A 217 3.64 9.16 -2.11
C ALA A 217 2.51 8.48 -1.34
N GLY A 218 2.35 7.17 -1.44
CA GLY A 218 1.27 6.52 -0.73
C GLY A 218 -0.08 6.62 -1.40
N ILE A 219 -0.13 6.68 -2.72
CA ILE A 219 -1.42 6.83 -3.39
C ILE A 219 -1.49 6.01 -4.69
N GLY A 220 -0.41 5.99 -5.46
CA GLY A 220 -0.45 5.39 -6.80
C GLY A 220 -0.28 3.88 -6.85
N ARG A 221 0.93 3.37 -6.57
CA ARG A 221 1.09 1.93 -6.46
C ARG A 221 0.38 1.39 -5.23
N SER A 222 0.50 2.07 -4.09
CA SER A 222 -0.24 1.64 -2.91
C SER A 222 -1.73 1.56 -3.21
N GLY A 223 -2.23 2.49 -4.02
CA GLY A 223 -3.64 2.46 -4.37
C GLY A 223 -4.01 1.20 -5.11
N THR A 224 -3.25 0.87 -6.15
CA THR A 224 -3.52 -0.33 -6.94
C THR A 224 -3.54 -1.57 -6.08
N PHE A 225 -2.66 -1.65 -5.09
CA PHE A 225 -2.58 -2.82 -4.26
C PHE A 225 -3.86 -2.99 -3.45
N CYS A 226 -4.30 -1.92 -2.80
CA CYS A 226 -5.46 -2.02 -1.92
C CYS A 226 -6.75 -2.18 -2.70
N LEU A 227 -6.88 -1.53 -3.84
CA LEU A 227 -8.07 -1.75 -4.66
C LEU A 227 -8.25 -3.24 -5.01
N ALA A 228 -7.19 -3.87 -5.54
CA ALA A 228 -7.27 -5.28 -5.92
C ALA A 228 -7.63 -6.17 -4.73
N ASP A 229 -6.93 -6.04 -3.61
CA ASP A 229 -7.26 -6.85 -2.44
C ASP A 229 -8.71 -6.66 -2.02
N THR A 230 -9.17 -5.40 -1.98
CA THR A 230 -10.52 -5.10 -1.54
C THR A 230 -11.58 -5.66 -2.49
N CYS A 231 -11.39 -5.50 -3.81
CA CYS A 231 -12.33 -6.08 -4.77
C CYS A 231 -12.40 -7.59 -4.64
N LEU A 232 -11.24 -8.26 -4.53
CA LEU A 232 -11.24 -9.69 -4.33
C LEU A 232 -11.96 -10.07 -3.05
N LEU A 233 -11.82 -9.25 -2.01
CA LEU A 233 -12.53 -9.53 -0.76
C LEU A 233 -14.04 -9.49 -0.97
N LEU A 234 -14.53 -8.45 -1.65
CA LEU A 234 -15.97 -8.27 -1.83
C LEU A 234 -16.56 -9.39 -2.66
N MET A 235 -15.93 -9.73 -3.80
CA MET A 235 -16.40 -10.85 -4.60
C MET A 235 -16.62 -12.08 -3.74
N ASP A 236 -15.75 -12.29 -2.76
CA ASP A 236 -15.88 -13.43 -1.87
C ASP A 236 -17.00 -13.22 -0.86
N LYS A 237 -17.05 -12.03 -0.23
CA LYS A 237 -18.06 -11.78 0.79
C LYS A 237 -19.46 -11.71 0.17
N ARG A 238 -19.61 -10.99 -0.95
CA ARG A 238 -20.89 -10.93 -1.62
C ARG A 238 -21.32 -12.28 -2.21
N LYS A 239 -20.36 -13.15 -2.53
CA LYS A 239 -20.58 -14.47 -3.17
C LYS A 239 -20.82 -14.38 -4.67
N ASP A 240 -20.62 -13.21 -5.31
CA ASP A 240 -20.72 -13.12 -6.77
C ASP A 240 -19.63 -12.25 -7.39
N PRO A 241 -18.85 -12.80 -8.34
CA PRO A 241 -17.84 -11.97 -9.05
C PRO A 241 -18.42 -10.81 -9.86
N SER A 242 -19.64 -10.94 -10.40
CA SER A 242 -20.24 -9.84 -11.14
C SER A 242 -20.60 -8.66 -10.24
N SER A 243 -20.62 -8.87 -8.93
CA SER A 243 -21.14 -7.86 -8.01
C SER A 243 -20.30 -6.58 -8.02
N VAL A 244 -18.98 -6.72 -8.08
CA VAL A 244 -18.08 -5.62 -7.72
C VAL A 244 -17.95 -4.65 -8.89
N ASP A 245 -18.16 -3.37 -8.59
CA ASP A 245 -17.90 -2.29 -9.53
C ASP A 245 -16.60 -1.60 -9.13
N ILE A 246 -15.52 -1.91 -9.84
CA ILE A 246 -14.22 -1.39 -9.45
C ILE A 246 -14.27 0.13 -9.30
N LYS A 247 -14.89 0.83 -10.24
CA LYS A 247 -14.96 2.28 -10.15
C LYS A 247 -15.67 2.70 -8.86
N LYS A 248 -16.72 1.97 -8.48
CA LYS A 248 -17.41 2.33 -7.25
C LYS A 248 -16.56 2.02 -6.03
N VAL A 249 -15.72 1.00 -6.12
CA VAL A 249 -14.85 0.66 -5.00
C VAL A 249 -13.72 1.68 -4.90
N LEU A 250 -13.13 2.06 -6.03
CA LEU A 250 -12.06 3.03 -5.98
C LEU A 250 -12.55 4.36 -5.43
N LEU A 251 -13.77 4.76 -5.81
CA LEU A 251 -14.31 5.99 -5.29
C LEU A 251 -14.55 5.90 -3.79
N GLU A 252 -14.95 4.72 -3.30
CA GLU A 252 -15.07 4.56 -1.86
C GLU A 252 -13.72 4.76 -1.17
N MET A 253 -12.66 4.18 -1.71
CA MET A 253 -11.36 4.33 -1.08
C MET A 253 -10.94 5.79 -1.10
N ARG A 254 -11.26 6.50 -2.18
CA ARG A 254 -10.82 7.87 -2.29
C ARG A 254 -11.54 8.80 -1.32
N LYS A 255 -12.53 8.30 -0.58
CA LYS A 255 -13.06 9.09 0.52
C LYS A 255 -12.07 9.19 1.66
N PHE A 256 -11.06 8.33 1.67
CA PHE A 256 -10.16 8.20 2.82
C PHE A 256 -8.76 8.74 2.56
N ARG A 257 -8.32 8.77 1.31
CA ARG A 257 -7.05 9.37 0.95
C ARG A 257 -7.16 9.79 -0.51
N MET A 258 -6.66 10.98 -0.82
CA MET A 258 -6.72 11.51 -2.18
C MET A 258 -5.83 10.74 -3.13
N GLY A 259 -6.19 10.73 -4.40
CA GLY A 259 -5.27 10.38 -5.46
C GLY A 259 -5.02 8.91 -5.69
N LEU A 260 -5.67 8.01 -4.95
CA LEU A 260 -5.41 6.59 -5.14
C LEU A 260 -5.54 6.19 -6.60
N ILE A 261 -4.51 5.51 -7.10
CA ILE A 261 -4.36 5.10 -8.50
C ILE A 261 -3.97 6.31 -9.31
N ALA A 262 -2.77 6.27 -9.90
CA ALA A 262 -2.14 7.47 -10.46
C ALA A 262 -2.16 7.55 -11.99
N THR A 263 -2.30 6.44 -12.68
CA THR A 263 -2.34 6.47 -14.14
C THR A 263 -3.56 5.71 -14.63
N ALA A 264 -3.93 5.98 -15.88
CA ALA A 264 -4.98 5.19 -16.51
C ALA A 264 -4.55 3.75 -16.67
N ASP A 265 -3.25 3.49 -16.88
CA ASP A 265 -2.80 2.11 -17.05
C ASP A 265 -2.79 1.35 -15.73
N GLN A 266 -2.63 2.04 -14.61
CA GLN A 266 -2.76 1.36 -13.32
C GLN A 266 -4.20 0.94 -13.09
N LEU A 267 -5.16 1.80 -13.45
CA LEU A 267 -6.56 1.40 -13.41
C LEU A 267 -6.81 0.16 -14.26
N ARG A 268 -6.26 0.12 -15.48
CA ARG A 268 -6.45 -1.06 -16.31
C ARG A 268 -5.86 -2.30 -15.67
N PHE A 269 -4.66 -2.17 -15.09
CA PHE A 269 -4.07 -3.33 -14.45
C PHE A 269 -4.96 -3.84 -13.32
N SER A 270 -5.65 -2.92 -12.65
CA SER A 270 -6.52 -3.30 -11.54
C SER A 270 -7.67 -4.17 -12.01
N TYR A 271 -8.36 -3.76 -13.08
CA TYR A 271 -9.34 -4.66 -13.70
C TYR A 271 -8.66 -5.98 -14.04
N LEU A 272 -7.53 -5.93 -14.74
CA LEU A 272 -6.87 -7.13 -15.17
C LEU A 272 -6.59 -8.07 -14.00
N ALA A 273 -6.11 -7.51 -12.89
CA ALA A 273 -5.71 -8.32 -11.74
C ALA A 273 -6.92 -8.88 -11.00
N VAL A 274 -7.99 -8.09 -10.88
CA VAL A 274 -9.20 -8.59 -10.25
C VAL A 274 -9.87 -9.64 -11.11
N ILE A 275 -9.80 -9.49 -12.44
CA ILE A 275 -10.34 -10.50 -13.33
C ILE A 275 -9.57 -11.81 -13.18
N GLU A 276 -8.24 -11.75 -13.17
CA GLU A 276 -7.46 -12.96 -12.97
C GLU A 276 -7.71 -13.55 -11.58
N GLY A 277 -7.66 -12.72 -10.53
CA GLY A 277 -7.81 -13.25 -9.19
C GLY A 277 -9.16 -13.90 -8.93
N ALA A 278 -10.18 -13.49 -9.68
CA ALA A 278 -11.49 -14.10 -9.53
C ALA A 278 -11.46 -15.61 -9.76
N LYS A 279 -10.58 -16.09 -10.65
CA LYS A 279 -10.40 -17.53 -10.82
C LYS A 279 -10.27 -18.21 -9.47
N PHE A 280 -9.42 -17.66 -8.60
CA PHE A 280 -9.24 -18.24 -7.28
C PHE A 280 -10.52 -18.17 -6.46
N ILE A 281 -11.18 -17.01 -6.47
CA ILE A 281 -12.37 -16.84 -5.64
C ILE A 281 -13.49 -17.75 -6.10
N MET A 282 -13.60 -18.00 -7.42
CA MET A 282 -14.62 -18.86 -7.99
C MET A 282 -14.46 -20.32 -7.57
N GLY A 283 -13.36 -20.70 -6.94
CA GLY A 283 -13.16 -22.07 -6.50
C GLY A 283 -11.91 -22.73 -7.04
N ASP A 284 -11.34 -22.18 -8.11
CA ASP A 284 -10.15 -22.76 -8.72
C ASP A 284 -8.92 -22.58 -7.82
N SER A 285 -8.93 -23.34 -6.69
CA SER A 285 -7.90 -23.10 -5.70
C SER A 285 -6.50 -23.15 -6.33
N SER A 286 -6.29 -24.03 -7.32
CA SER A 286 -4.95 -24.38 -7.78
C SER A 286 -4.38 -23.40 -8.81
N VAL A 287 -5.14 -22.39 -9.23
CA VAL A 287 -4.56 -21.33 -10.05
C VAL A 287 -3.46 -20.59 -9.28
N GLN A 288 -3.54 -20.61 -7.94
CA GLN A 288 -2.51 -19.96 -7.13
C GLN A 288 -1.13 -20.53 -7.43
N ASP A 289 -1.00 -21.86 -7.46
CA ASP A 289 0.30 -22.47 -7.74
C ASP A 289 0.79 -22.16 -9.15
N GLN A 290 -0.12 -21.85 -10.06
CA GLN A 290 0.28 -21.43 -11.40
C GLN A 290 0.85 -20.02 -11.40
N TRP A 291 0.26 -19.14 -10.57
CA TRP A 291 0.80 -17.79 -10.38
C TRP A 291 2.23 -17.84 -9.86
N LYS A 292 2.48 -18.65 -8.83
CA LYS A 292 3.85 -18.81 -8.35
C LYS A 292 4.77 -19.22 -9.48
N GLU A 293 4.39 -20.28 -10.21
CA GLU A 293 5.18 -20.73 -11.36
C GLU A 293 5.37 -19.62 -12.38
N LEU A 294 4.28 -18.93 -12.74
CA LEU A 294 4.32 -17.93 -13.81
C LEU A 294 5.16 -16.69 -13.47
N SER A 295 5.43 -16.45 -12.18
CA SER A 295 6.03 -15.20 -11.75
C SER A 295 7.56 -15.25 -11.73
N HIS A 296 8.14 -16.44 -11.87
CA HIS A 296 9.59 -16.60 -11.84
C HIS A 296 10.18 -16.14 -10.52
N GLU A 297 9.44 -16.36 -9.44
CA GLU A 297 9.94 -15.93 -8.14
C GLU A 297 11.21 -16.66 -7.72
N ASP A 298 11.74 -17.55 -8.57
CA ASP A 298 13.01 -18.23 -8.34
C ASP A 298 14.01 -17.80 -9.40
N LEU A 299 15.26 -17.59 -8.97
CA LEU A 299 16.30 -17.09 -9.86
C LEU A 299 17.52 -16.62 -9.07
N LYS B 6 10.84 16.40 -7.10
CA LYS B 6 10.44 17.68 -7.69
C LYS B 6 9.65 18.52 -6.72
N GLU B 7 9.27 17.89 -5.60
CA GLU B 7 8.49 18.51 -4.53
C GLU B 7 7.00 18.55 -4.88
N TYR B 8 6.69 18.35 -6.16
CA TYR B 8 5.31 18.33 -6.59
C TYR B 8 5.07 16.98 -7.23
N TYR B 9 3.95 16.36 -6.81
CA TYR B 9 3.75 14.99 -7.20
C TYR B 9 3.41 14.89 -8.71
N THR B 10 2.72 15.90 -9.23
CA THR B 10 2.47 15.97 -10.69
C THR B 10 3.57 16.87 -11.27
N VAL B 11 4.60 16.25 -11.89
CA VAL B 11 5.77 16.99 -12.32
C VAL B 11 5.75 17.18 -13.84
N LYS B 12 6.67 18.02 -14.31
CA LYS B 12 7.02 18.10 -15.73
C LYS B 12 8.51 17.81 -15.91
P PO4 C . 3.22 5.92 -7.90
O1 PO4 C . 3.44 5.17 -6.60
O2 PO4 C . 3.19 4.93 -9.03
O3 PO4 C . 1.91 6.65 -7.82
O4 PO4 C . 4.29 6.97 -8.09
C TRS D . -18.42 15.43 -6.40
C1 TRS D . -16.90 15.11 -6.52
C2 TRS D . -19.13 15.14 -7.77
C3 TRS D . -18.47 17.01 -6.27
N TRS D . -18.96 14.56 -5.17
O1 TRS D . -16.16 15.77 -7.55
O2 TRS D . -18.29 14.85 -8.88
O3 TRS D . -17.53 17.54 -5.36
H11 TRS D . -16.81 14.03 -6.68
H12 TRS D . -16.44 15.35 -5.57
H21 TRS D . -19.74 16.01 -8.04
H22 TRS D . -19.80 14.30 -7.62
H31 TRS D . -18.31 17.45 -7.25
H32 TRS D . -19.48 17.29 -5.95
HN1 TRS D . -18.76 14.84 -4.22
HN2 TRS D . -18.68 13.59 -5.08
HN3 TRS D . -19.97 14.42 -5.06
HO1 TRS D . -15.30 15.33 -7.66
HO2 TRS D . -18.82 14.77 -9.69
HO3 TRS D . -17.68 18.51 -5.25
C TRS E . 26.34 -11.24 6.26
C1 TRS E . 27.12 -11.44 4.93
C2 TRS E . 27.34 -11.85 7.28
C3 TRS E . 26.36 -9.71 6.56
N TRS E . 24.83 -11.75 6.28
O1 TRS E . 27.12 -10.31 4.07
O2 TRS E . 27.05 -11.52 8.63
O3 TRS E . 25.52 -9.41 7.67
H11 TRS E . 26.69 -12.29 4.40
H12 TRS E . 28.16 -11.69 5.17
H21 TRS E . 28.35 -11.50 7.05
H22 TRS E . 27.34 -12.94 7.18
H31 TRS E . 26.02 -9.16 5.68
H32 TRS E . 27.39 -9.40 6.77
HN1 TRS E . 24.16 -11.39 5.60
HN2 TRS E . 24.25 -11.62 7.11
HN3 TRS E . 24.62 -12.73 6.14
HO1 TRS E . 27.42 -10.58 3.18
HO2 TRS E . 27.72 -11.91 9.23
HO3 TRS E . 24.66 -9.85 7.56
#